data_3T83
#
_entry.id   3T83
#
_cell.length_a   42.540
_cell.length_b   41.440
_cell.length_c   72.360
_cell.angle_alpha   90.00
_cell.angle_beta   104.51
_cell.angle_gamma   90.00
#
_symmetry.space_group_name_H-M   'P 1 21 1'
#
loop_
_entity.id
_entity.type
_entity.pdbx_description
1 polymer 'Carbonic anhydrase 2'
2 non-polymer 'ZINC ION'
3 non-polymer 2,3,4-tri-O-propanoyl-6-O-sulfamoyl-alpha-D-glucopyranose
4 non-polymer 2,3,4-tri-O-propanoyl-6-O-sulfamoyl-beta-D-glucopyranose
5 water water
#
_entity_poly.entity_id   1
_entity_poly.type   'polypeptide(L)'
_entity_poly.pdbx_seq_one_letter_code
;MSHHWGYGKHNGPEHWHKDFPIAKGERQSPVDIDTHTAKYDPSLKPLSVSYDQATSLRILNNGHAFNVEFDDSQDKAVLK
GGPLDGTYRLIQFHFHWGSLDGQGSEHTVDKKKYAAELHLVHWNTKYGDFGKAVQQPDGLAVLGIFLKVGSAKPGLQKVV
DVLDSIKTKGKSADFTNFDPRGLLPESLDYWTYPGSLTTPPLLECVTWIVLKEPISVSSEQVLKFRKLNFNGEGEPEELM
VDNWRPAQPLKNRQIKASFK
;
_entity_poly.pdbx_strand_id   A
#
# COMPACT_ATOMS: atom_id res chain seq x y z
N HIS A 4 14.58 11.84 -11.97
CA HIS A 4 13.19 11.43 -12.17
C HIS A 4 12.31 11.84 -10.99
N TRP A 5 11.36 10.99 -10.61
CA TRP A 5 10.37 11.38 -9.62
C TRP A 5 10.74 10.93 -8.22
N GLY A 6 10.20 11.61 -7.23
CA GLY A 6 10.47 11.23 -5.85
C GLY A 6 9.52 11.93 -4.91
N TYR A 7 10.00 12.25 -3.71
CA TYR A 7 9.17 12.87 -2.68
C TYR A 7 9.73 14.18 -2.14
N GLY A 8 10.86 14.62 -2.69
CA GLY A 8 11.46 15.89 -2.29
C GLY A 8 10.76 17.12 -2.87
N LYS A 9 11.31 18.29 -2.57
CA LYS A 9 10.70 19.56 -2.97
C LYS A 9 10.68 19.72 -4.48
N HIS A 10 11.72 19.24 -5.14
CA HIS A 10 11.88 19.51 -6.55
C HIS A 10 11.46 18.38 -7.46
N ASN A 11 11.10 17.23 -6.89
CA ASN A 11 10.62 16.11 -7.70
C ASN A 11 9.40 15.41 -7.12
N GLY A 12 8.79 16.02 -6.10
CA GLY A 12 7.69 15.40 -5.38
C GLY A 12 6.34 15.47 -6.07
N PRO A 13 5.29 15.03 -5.36
CA PRO A 13 3.93 14.92 -5.90
C PRO A 13 3.42 16.14 -6.66
N GLU A 14 3.83 17.34 -6.25
CA GLU A 14 3.41 18.57 -6.93
C GLU A 14 3.96 18.66 -8.36
N HIS A 15 4.97 17.85 -8.64
CA HIS A 15 5.68 17.90 -9.91
C HIS A 15 5.29 16.78 -10.86
N TRP A 16 4.71 15.71 -10.32
CA TRP A 16 4.48 14.50 -11.11
C TRP A 16 3.64 14.72 -12.38
N HIS A 17 2.71 15.66 -12.33
CA HIS A 17 1.78 15.84 -13.45
C HIS A 17 2.47 16.23 -14.76
N LYS A 18 3.68 16.77 -14.68
CA LYS A 18 4.38 17.19 -15.89
C LYS A 18 4.82 16.00 -16.75
N ASP A 19 5.36 14.96 -16.12
CA ASP A 19 5.71 13.74 -16.85
C ASP A 19 4.50 12.81 -16.94
N PHE A 20 3.58 12.93 -15.98
CA PHE A 20 2.45 12.01 -15.89
C PHE A 20 1.13 12.75 -15.76
N PRO A 21 0.59 13.24 -16.88
CA PRO A 21 -0.59 14.11 -16.86
C PRO A 21 -1.81 13.45 -16.19
N ILE A 22 -1.83 12.12 -16.12
CA ILE A 22 -2.94 11.42 -15.48
C ILE A 22 -2.99 11.72 -13.98
N ALA A 23 -1.92 12.34 -13.47
CA ALA A 23 -1.88 12.78 -12.08
C ALA A 23 -3.06 13.70 -11.73
N LYS A 24 -3.64 14.33 -12.74
CA LYS A 24 -4.78 15.22 -12.54
C LYS A 24 -6.06 14.58 -13.10
N GLY A 25 -6.07 13.25 -13.15
CA GLY A 25 -7.12 12.49 -13.82
C GLY A 25 -8.42 12.30 -13.07
N GLU A 26 -9.27 11.45 -13.63
CA GLU A 26 -10.65 11.28 -13.17
C GLU A 26 -10.78 10.43 -11.89
N ARG A 27 -9.78 9.61 -11.59
CA ARG A 27 -9.91 8.69 -10.45
C ARG A 27 -8.57 8.46 -9.74
N GLN A 28 -7.96 9.54 -9.25
CA GLN A 28 -6.65 9.44 -8.60
C GLN A 28 -6.69 9.08 -7.13
N SER A 29 -5.60 8.49 -6.64
CA SER A 29 -5.47 8.06 -5.25
C SER A 29 -4.18 8.62 -4.66
N PRO A 30 -4.10 8.74 -3.33
CA PRO A 30 -5.13 8.41 -2.33
C PRO A 30 -6.21 9.48 -2.26
N VAL A 31 -7.20 9.26 -1.40
CA VAL A 31 -8.21 10.26 -1.09
C VAL A 31 -8.45 10.34 0.41
N ASP A 32 -9.10 11.42 0.85
CA ASP A 32 -9.62 11.45 2.20
C ASP A 32 -10.92 10.67 2.25
N ILE A 33 -11.04 9.81 3.26
CA ILE A 33 -12.24 9.02 3.46
C ILE A 33 -13.10 9.75 4.48
N ASP A 34 -14.15 10.41 3.99
CA ASP A 34 -15.10 11.08 4.88
C ASP A 34 -16.09 10.03 5.37
N THR A 35 -15.96 9.63 6.63
CA THR A 35 -16.70 8.49 7.15
C THR A 35 -18.21 8.72 7.17
N HIS A 36 -18.62 9.99 7.16
CA HIS A 36 -20.04 10.33 7.22
C HIS A 36 -20.63 10.59 5.84
N THR A 37 -19.83 10.39 4.81
CA THR A 37 -20.31 10.47 3.43
C THR A 37 -20.31 9.09 2.76
N ALA A 38 -19.50 8.16 3.27
CA ALA A 38 -19.44 6.83 2.66
C ALA A 38 -20.79 6.11 2.89
N LYS A 39 -21.17 5.26 1.95
CA LYS A 39 -22.49 4.62 1.98
C LYS A 39 -22.35 3.13 2.29
N TYR A 40 -23.01 2.66 3.34
CA TYR A 40 -23.04 1.23 3.62
C TYR A 40 -23.70 0.50 2.47
N ASP A 41 -23.07 -0.57 2.00
CA ASP A 41 -23.56 -1.32 0.84
C ASP A 41 -23.81 -2.76 1.22
N PRO A 42 -25.06 -3.10 1.57
CA PRO A 42 -25.36 -4.45 2.06
C PRO A 42 -25.26 -5.53 0.97
N SER A 43 -25.02 -5.12 -0.27
CA SER A 43 -24.87 -6.09 -1.36
C SER A 43 -23.45 -6.63 -1.44
N LEU A 44 -22.47 -5.86 -0.98
CA LEU A 44 -21.10 -6.32 -0.91
C LEU A 44 -21.02 -7.70 -0.26
N LYS A 45 -20.31 -8.62 -0.89
CA LYS A 45 -20.08 -9.94 -0.30
C LYS A 45 -18.96 -9.88 0.73
N PRO A 46 -18.86 -10.90 1.59
CA PRO A 46 -17.76 -10.89 2.56
C PRO A 46 -16.37 -10.85 1.89
N LEU A 47 -15.43 -10.11 2.48
CA LEU A 47 -14.05 -10.09 2.00
C LEU A 47 -13.38 -11.42 2.32
N SER A 48 -12.68 -11.99 1.35
CA SER A 48 -11.98 -13.25 1.51
C SER A 48 -10.48 -13.11 1.28
N VAL A 49 -9.72 -13.14 2.37
CA VAL A 49 -8.27 -13.10 2.30
C VAL A 49 -7.74 -14.53 2.46
N SER A 50 -7.18 -15.09 1.39
CA SER A 50 -6.71 -16.48 1.45
C SER A 50 -5.20 -16.54 1.24
N TYR A 51 -4.45 -16.46 2.33
CA TYR A 51 -3.00 -16.36 2.27
C TYR A 51 -2.29 -17.61 2.79
N ASP A 52 -3.04 -18.69 3.00
CA ASP A 52 -2.46 -19.90 3.57
C ASP A 52 -1.25 -20.46 2.81
N GLN A 53 -1.28 -20.40 1.49
CA GLN A 53 -0.19 -20.96 0.70
C GLN A 53 0.78 -19.87 0.20
N ALA A 54 0.73 -18.71 0.82
CA ALA A 54 1.56 -17.59 0.39
C ALA A 54 3.04 -17.96 0.44
N THR A 55 3.77 -17.58 -0.60
CA THR A 55 5.21 -17.87 -0.67
C THR A 55 6.03 -16.60 -0.87
N SER A 56 6.61 -16.08 0.20
CA SER A 56 7.41 -14.88 0.07
C SER A 56 8.77 -15.24 -0.51
N LEU A 57 9.38 -14.30 -1.20
CA LEU A 57 10.63 -14.58 -1.91
C LEU A 57 11.78 -13.70 -1.45
N ARG A 58 11.54 -12.40 -1.45
CA ARG A 58 12.64 -11.45 -1.37
C ARG A 58 12.11 -10.10 -0.93
N ILE A 59 12.99 -9.29 -0.34
CA ILE A 59 12.67 -7.95 0.10
C ILE A 59 13.63 -7.01 -0.63
N LEU A 60 13.11 -5.90 -1.13
CA LEU A 60 13.89 -5.02 -2.02
C LEU A 60 13.67 -3.56 -1.67
N ASN A 61 14.76 -2.80 -1.59
CA ASN A 61 14.69 -1.34 -1.50
C ASN A 61 14.89 -0.79 -2.91
N ASN A 62 13.88 -0.13 -3.47
CA ASN A 62 13.97 0.38 -4.84
C ASN A 62 14.20 1.88 -4.91
N GLY A 63 14.52 2.48 -3.77
CA GLY A 63 14.79 3.91 -3.74
C GLY A 63 13.57 4.78 -3.50
N HIS A 64 12.37 4.16 -3.48
CA HIS A 64 11.12 4.86 -3.19
C HIS A 64 10.44 4.29 -1.96
N ALA A 65 10.63 2.98 -1.74
CA ALA A 65 10.07 2.27 -0.60
C ALA A 65 10.75 0.90 -0.58
N PHE A 66 10.28 -0.02 0.26
CA PHE A 66 10.76 -1.41 0.17
C PHE A 66 9.57 -2.33 -0.02
N ASN A 67 9.73 -3.42 -0.79
CA ASN A 67 8.64 -4.36 -0.89
C ASN A 67 9.05 -5.79 -0.59
N VAL A 68 8.13 -6.55 -0.04
CA VAL A 68 8.29 -8.00 0.09
C VAL A 68 7.54 -8.64 -1.07
N GLU A 69 8.26 -9.42 -1.87
CA GLU A 69 7.71 -10.02 -3.09
C GLU A 69 7.20 -11.44 -2.85
N PHE A 70 6.21 -11.83 -3.64
CA PHE A 70 5.61 -13.15 -3.51
C PHE A 70 5.60 -13.91 -4.84
N ASP A 71 5.65 -15.24 -4.76
CA ASP A 71 5.47 -16.07 -5.94
C ASP A 71 4.02 -15.97 -6.40
N ASP A 72 3.79 -15.33 -7.55
CA ASP A 72 2.43 -15.15 -8.05
C ASP A 72 2.19 -15.94 -9.34
N SER A 73 2.90 -17.07 -9.48
CA SER A 73 2.75 -17.92 -10.65
C SER A 73 1.57 -18.89 -10.52
N GLN A 74 0.94 -18.90 -9.35
CA GLN A 74 -0.26 -19.70 -9.12
C GLN A 74 -1.14 -18.98 -8.10
N ASP A 75 -2.36 -19.47 -7.90
CA ASP A 75 -3.26 -18.88 -6.91
C ASP A 75 -2.89 -19.25 -5.46
N LYS A 76 -1.67 -18.94 -5.05
CA LYS A 76 -1.20 -19.30 -3.71
C LYS A 76 -1.67 -18.35 -2.61
N ALA A 77 -1.86 -17.10 -2.97
CA ALA A 77 -2.27 -16.08 -2.00
C ALA A 77 -3.16 -15.13 -2.76
N VAL A 78 -4.45 -15.15 -2.45
CA VAL A 78 -5.42 -14.38 -3.23
C VAL A 78 -6.41 -13.62 -2.37
N LEU A 79 -6.96 -12.57 -2.96
CA LEU A 79 -7.99 -11.76 -2.35
C LEU A 79 -9.23 -11.91 -3.24
N LYS A 80 -10.37 -12.20 -2.63
CA LYS A 80 -11.63 -12.30 -3.37
C LYS A 80 -12.75 -11.68 -2.53
N GLY A 81 -13.93 -11.54 -3.12
CA GLY A 81 -15.09 -11.06 -2.37
C GLY A 81 -15.11 -9.56 -2.22
N GLY A 82 -15.93 -9.06 -1.29
CA GLY A 82 -16.12 -7.63 -1.17
C GLY A 82 -16.63 -7.04 -2.48
N PRO A 83 -16.01 -5.98 -2.97
CA PRO A 83 -16.44 -5.37 -4.23
C PRO A 83 -15.85 -6.08 -5.43
N LEU A 84 -15.05 -7.12 -5.18
CA LEU A 84 -14.24 -7.73 -6.24
C LEU A 84 -14.95 -8.83 -7.02
N ASP A 85 -14.79 -8.79 -8.34
CA ASP A 85 -15.27 -9.85 -9.19
C ASP A 85 -14.08 -10.70 -9.56
N GLY A 86 -14.12 -12.00 -9.27
CA GLY A 86 -13.04 -12.87 -9.67
C GLY A 86 -11.93 -13.00 -8.64
N THR A 87 -10.74 -13.33 -9.12
CA THR A 87 -9.62 -13.65 -8.23
C THR A 87 -8.46 -12.70 -8.46
N TYR A 88 -7.92 -12.16 -7.37
CA TYR A 88 -6.75 -11.29 -7.43
C TYR A 88 -5.57 -11.88 -6.66
N ARG A 89 -4.43 -12.03 -7.33
CA ARG A 89 -3.23 -12.67 -6.74
C ARG A 89 -2.27 -11.68 -6.11
N LEU A 90 -1.84 -11.99 -4.88
CA LEU A 90 -0.85 -11.18 -4.18
C LEU A 90 0.49 -11.22 -4.91
N ILE A 91 1.02 -10.04 -5.25
CA ILE A 91 2.34 -9.96 -5.89
C ILE A 91 3.39 -9.34 -4.96
N GLN A 92 3.02 -8.33 -4.19
CA GLN A 92 3.95 -7.77 -3.20
C GLN A 92 3.21 -6.97 -2.15
N PHE A 93 3.85 -6.72 -1.02
CA PHE A 93 3.38 -5.65 -0.13
C PHE A 93 4.49 -4.64 0.14
N HIS A 94 4.09 -3.41 0.47
CA HIS A 94 5.05 -2.37 0.77
C HIS A 94 4.41 -1.39 1.72
N PHE A 95 5.18 -0.40 2.17
CA PHE A 95 4.67 0.62 3.10
C PHE A 95 4.99 2.02 2.61
N HIS A 96 4.24 2.98 3.14
CA HIS A 96 4.53 4.40 3.07
C HIS A 96 4.54 4.89 4.51
N TRP A 97 5.49 5.76 4.85
CA TRP A 97 5.58 6.22 6.23
C TRP A 97 6.09 7.65 6.33
N GLY A 98 6.05 8.18 7.54
CA GLY A 98 6.39 9.57 7.75
C GLY A 98 7.71 9.79 8.49
N SER A 99 8.04 11.07 8.67
CA SER A 99 9.21 11.47 9.46
C SER A 99 8.85 11.64 10.93
N LEU A 100 7.55 11.72 11.22
CA LEU A 100 7.00 11.92 12.55
C LEU A 100 5.76 11.03 12.68
N ASP A 101 5.39 10.67 13.91
CA ASP A 101 4.26 9.75 14.13
C ASP A 101 2.92 10.31 13.64
N GLY A 102 2.84 11.62 13.44
CA GLY A 102 1.60 12.25 13.05
C GLY A 102 1.35 12.34 11.54
N GLN A 103 2.24 11.73 10.75
CA GLN A 103 2.05 11.74 9.31
C GLN A 103 2.69 10.50 8.70
N GLY A 104 2.25 10.14 7.49
CA GLY A 104 2.87 9.03 6.81
C GLY A 104 1.91 8.22 5.95
N SER A 105 0.63 8.21 6.32
CA SER A 105 -0.34 7.46 5.53
C SER A 105 -0.68 8.25 4.27
N GLU A 106 -1.17 7.53 3.28
CA GLU A 106 -1.61 8.13 2.02
C GLU A 106 -3.09 8.46 2.11
N HIS A 107 -3.93 7.47 2.35
CA HIS A 107 -5.32 7.77 2.66
C HIS A 107 -5.40 8.44 4.01
N THR A 108 -6.46 9.22 4.21
CA THR A 108 -6.73 9.81 5.52
C THR A 108 -8.16 9.47 5.87
N VAL A 109 -8.50 9.54 7.15
CA VAL A 109 -9.84 9.21 7.60
C VAL A 109 -10.38 10.42 8.36
N ASP A 110 -11.36 11.11 7.78
CA ASP A 110 -11.82 12.38 8.34
C ASP A 110 -10.62 13.30 8.57
N LYS A 111 -9.76 13.33 7.56
CA LYS A 111 -8.55 14.16 7.52
C LYS A 111 -7.42 13.69 8.45
N LYS A 112 -7.68 12.66 9.26
CA LYS A 112 -6.63 12.12 10.14
C LYS A 112 -5.56 11.37 9.37
N LYS A 113 -4.30 11.73 9.62
CA LYS A 113 -3.14 11.02 9.08
C LYS A 113 -2.62 10.01 10.09
N TYR A 114 -2.27 8.83 9.60
CA TYR A 114 -1.67 7.79 10.42
C TYR A 114 -0.15 7.78 10.20
N ALA A 115 0.56 7.03 11.04
CA ALA A 115 2.02 7.04 10.99
C ALA A 115 2.58 6.36 9.75
N ALA A 116 1.83 5.40 9.22
CA ALA A 116 2.23 4.68 8.02
C ALA A 116 1.01 4.00 7.41
N GLU A 117 1.20 3.44 6.22
CA GLU A 117 0.13 2.68 5.59
C GLU A 117 0.76 1.51 4.84
N LEU A 118 0.17 0.33 5.03
CA LEU A 118 0.62 -0.91 4.40
C LEU A 118 -0.26 -1.20 3.20
N HIS A 119 0.37 -1.55 2.08
CA HIS A 119 -0.37 -1.85 0.87
C HIS A 119 -0.03 -3.24 0.41
N LEU A 120 -1.05 -4.10 0.39
CA LEU A 120 -0.88 -5.43 -0.18
C LEU A 120 -1.48 -5.40 -1.58
N VAL A 121 -0.62 -5.56 -2.59
CA VAL A 121 -1.01 -5.35 -3.98
C VAL A 121 -1.32 -6.69 -4.65
N HIS A 122 -2.47 -6.78 -5.31
CA HIS A 122 -2.95 -7.99 -5.97
C HIS A 122 -3.36 -7.68 -7.39
N TRP A 123 -3.16 -8.61 -8.32
CA TRP A 123 -3.63 -8.37 -9.69
C TRP A 123 -4.67 -9.39 -10.12
N ASN A 124 -5.59 -8.93 -10.96
CA ASN A 124 -6.72 -9.71 -11.44
C ASN A 124 -6.25 -10.79 -12.41
N THR A 125 -6.41 -12.06 -12.04
CA THR A 125 -5.85 -13.15 -12.84
C THR A 125 -6.48 -13.25 -14.23
N LYS A 126 -7.60 -12.59 -14.47
CA LYS A 126 -8.21 -12.65 -15.80
C LYS A 126 -7.33 -11.99 -16.86
N TYR A 127 -6.38 -11.17 -16.42
CA TYR A 127 -5.51 -10.43 -17.33
C TYR A 127 -4.12 -11.06 -17.49
N GLY A 128 -3.90 -12.19 -16.83
CA GLY A 128 -2.74 -13.02 -17.13
C GLY A 128 -1.43 -12.64 -16.47
N ASP A 129 -1.09 -11.36 -16.48
CA ASP A 129 0.10 -10.87 -15.80
C ASP A 129 -0.11 -9.45 -15.27
N PHE A 130 0.77 -9.02 -14.37
CA PHE A 130 0.65 -7.71 -13.72
C PHE A 130 0.71 -6.57 -14.73
N GLY A 131 1.61 -6.69 -15.70
CA GLY A 131 1.80 -5.64 -16.70
C GLY A 131 0.54 -5.38 -17.52
N LYS A 132 -0.19 -6.44 -17.82
CA LYS A 132 -1.44 -6.28 -18.57
C LYS A 132 -2.51 -5.74 -17.62
N ALA A 133 -2.51 -6.21 -16.39
CA ALA A 133 -3.53 -5.78 -15.44
C ALA A 133 -3.53 -4.27 -15.21
N VAL A 134 -2.36 -3.66 -15.15
CA VAL A 134 -2.33 -2.23 -14.83
C VAL A 134 -2.92 -1.36 -15.95
N GLN A 135 -3.19 -1.98 -17.10
CA GLN A 135 -3.81 -1.26 -18.20
C GLN A 135 -5.33 -1.40 -18.21
N GLN A 136 -5.87 -1.99 -17.15
CA GLN A 136 -7.33 -2.23 -17.05
C GLN A 136 -7.92 -1.47 -15.87
N PRO A 137 -9.19 -1.05 -15.98
CA PRO A 137 -9.81 -0.27 -14.92
C PRO A 137 -10.09 -1.12 -13.66
N ASP A 138 -10.15 -2.44 -13.83
CA ASP A 138 -10.28 -3.36 -12.70
C ASP A 138 -9.11 -4.33 -12.63
N GLY A 139 -7.92 -3.84 -12.95
CA GLY A 139 -6.76 -4.70 -13.00
C GLY A 139 -6.14 -5.06 -11.66
N LEU A 140 -6.18 -4.13 -10.71
CA LEU A 140 -5.53 -4.35 -9.42
C LEU A 140 -6.51 -4.19 -8.28
N ALA A 141 -6.24 -4.89 -7.19
CA ALA A 141 -6.90 -4.63 -5.91
C ALA A 141 -5.79 -4.42 -4.88
N VAL A 142 -5.80 -3.26 -4.24
CA VAL A 142 -4.83 -3.02 -3.19
C VAL A 142 -5.54 -2.93 -1.85
N LEU A 143 -5.11 -3.77 -0.92
CA LEU A 143 -5.63 -3.78 0.44
C LEU A 143 -4.74 -2.88 1.29
N GLY A 144 -5.31 -1.80 1.82
CA GLY A 144 -4.56 -0.83 2.62
C GLY A 144 -4.90 -0.95 4.09
N ILE A 145 -3.86 -0.89 4.93
CA ILE A 145 -3.99 -1.06 6.39
C ILE A 145 -3.22 0.07 7.03
N PHE A 146 -3.88 0.82 7.89
CA PHE A 146 -3.20 1.90 8.59
C PHE A 146 -2.35 1.38 9.73
N LEU A 147 -1.23 2.04 9.98
CA LEU A 147 -0.37 1.75 11.12
C LEU A 147 -0.38 2.95 12.08
N LYS A 148 -0.65 2.69 13.36
CA LYS A 148 -0.52 3.70 14.40
C LYS A 148 0.59 3.26 15.36
N VAL A 149 1.19 4.21 16.06
CA VAL A 149 2.27 3.90 16.98
C VAL A 149 1.68 3.57 18.36
N GLY A 150 1.98 2.38 18.85
CA GLY A 150 1.51 1.92 20.14
C GLY A 150 2.32 0.70 20.56
N SER A 151 1.66 -0.42 20.80
CA SER A 151 2.38 -1.63 21.17
C SER A 151 2.98 -2.25 19.91
N ALA A 152 4.06 -3.00 20.09
CA ALA A 152 4.75 -3.63 18.97
C ALA A 152 3.86 -4.65 18.26
N LYS A 153 4.09 -4.80 16.95
CA LYS A 153 3.40 -5.78 16.13
C LYS A 153 4.36 -6.95 15.87
N PRO A 154 4.13 -8.10 16.54
CA PRO A 154 5.08 -9.21 16.44
C PRO A 154 5.26 -9.67 15.01
N GLY A 155 4.16 -9.71 14.26
CA GLY A 155 4.17 -10.18 12.89
C GLY A 155 4.95 -9.28 11.94
N LEU A 156 5.30 -8.08 12.38
CA LEU A 156 6.08 -7.16 11.57
C LEU A 156 7.58 -7.24 11.88
N GLN A 157 7.93 -7.86 12.99
CA GLN A 157 9.31 -7.75 13.46
C GLN A 157 10.32 -8.38 12.49
N LYS A 158 9.95 -9.48 11.84
CA LYS A 158 10.87 -10.14 10.91
C LYS A 158 11.23 -9.21 9.75
N VAL A 159 10.29 -8.34 9.38
CA VAL A 159 10.54 -7.33 8.35
C VAL A 159 11.50 -6.28 8.88
N VAL A 160 11.23 -5.82 10.10
CA VAL A 160 12.07 -4.82 10.74
C VAL A 160 13.51 -5.32 10.87
N ASP A 161 13.66 -6.58 11.29
CA ASP A 161 14.96 -7.22 11.51
C ASP A 161 15.86 -7.15 10.29
N VAL A 162 15.27 -7.18 9.09
CA VAL A 162 16.07 -7.32 7.88
C VAL A 162 16.40 -5.99 7.18
N LEU A 163 15.84 -4.89 7.65
CA LEU A 163 16.01 -3.60 7.00
C LEU A 163 17.47 -3.12 6.96
N ASP A 164 18.25 -3.48 7.98
CA ASP A 164 19.69 -3.20 8.00
C ASP A 164 20.40 -3.76 6.78
N SER A 165 19.89 -4.85 6.24
CA SER A 165 20.54 -5.48 5.09
C SER A 165 20.12 -4.90 3.73
N ILE A 166 19.12 -4.02 3.71
CA ILE A 166 18.69 -3.38 2.46
C ILE A 166 18.57 -1.87 2.63
N LYS A 167 19.58 -1.29 3.27
CA LYS A 167 19.50 0.12 3.65
C LYS A 167 19.34 1.03 2.45
N THR A 168 20.06 0.73 1.37
CA THR A 168 20.15 1.67 0.26
C THR A 168 19.50 1.18 -1.03
N LYS A 169 19.22 2.12 -1.93
CA LYS A 169 18.56 1.86 -3.21
C LYS A 169 19.20 0.72 -3.97
N GLY A 170 18.39 -0.27 -4.37
CA GLY A 170 18.89 -1.36 -5.20
C GLY A 170 19.24 -2.63 -4.45
N LYS A 171 19.36 -2.52 -3.14
CA LYS A 171 19.69 -3.68 -2.31
C LYS A 171 18.47 -4.57 -2.13
N SER A 172 18.70 -5.88 -2.17
CA SER A 172 17.66 -6.85 -1.88
C SER A 172 18.23 -7.96 -1.00
N ALA A 173 17.36 -8.70 -0.33
CA ALA A 173 17.78 -9.85 0.49
C ALA A 173 16.75 -10.95 0.42
N ASP A 174 17.19 -12.19 0.61
CA ASP A 174 16.27 -13.31 0.67
C ASP A 174 15.26 -13.04 1.78
N PHE A 175 14.00 -13.39 1.54
CA PHE A 175 12.96 -13.17 2.53
C PHE A 175 11.86 -14.21 2.39
N THR A 176 12.25 -15.47 2.59
CA THR A 176 11.32 -16.57 2.40
C THR A 176 10.60 -16.92 3.71
N ASN A 177 9.49 -17.64 3.58
CA ASN A 177 8.76 -18.14 4.73
C ASN A 177 8.19 -17.04 5.63
N PHE A 178 7.82 -15.90 5.03
CA PHE A 178 7.14 -14.86 5.80
C PHE A 178 5.64 -14.94 5.61
N ASP A 179 4.89 -14.80 6.69
CA ASP A 179 3.44 -14.98 6.65
C ASP A 179 2.73 -13.64 6.74
N PRO A 180 2.17 -13.15 5.61
CA PRO A 180 1.56 -11.83 5.62
C PRO A 180 0.29 -11.74 6.48
N ARG A 181 -0.26 -12.89 6.85
CA ARG A 181 -1.42 -12.92 7.73
C ARG A 181 -1.14 -12.26 9.08
N GLY A 182 0.13 -12.22 9.47
CA GLY A 182 0.52 -11.64 10.74
C GLY A 182 0.47 -10.12 10.74
N LEU A 183 0.14 -9.53 9.59
CA LEU A 183 0.08 -8.07 9.46
C LEU A 183 -1.35 -7.53 9.46
N LEU A 184 -2.35 -8.43 9.50
CA LEU A 184 -3.76 -8.01 9.44
C LEU A 184 -4.34 -7.68 10.81
N PRO A 185 -5.27 -6.72 10.86
CA PRO A 185 -5.99 -6.46 12.11
C PRO A 185 -7.02 -7.56 12.35
N GLU A 186 -7.75 -7.49 13.47
CA GLU A 186 -8.77 -8.50 13.76
C GLU A 186 -9.95 -8.40 12.80
N SER A 187 -10.40 -7.17 12.54
CA SER A 187 -11.59 -6.94 11.74
C SER A 187 -11.23 -6.65 10.29
N LEU A 188 -12.04 -7.17 9.38
CA LEU A 188 -11.89 -6.86 7.96
C LEU A 188 -12.90 -5.81 7.47
N ASP A 189 -13.53 -5.07 8.39
CA ASP A 189 -14.40 -3.96 8.00
C ASP A 189 -13.60 -3.01 7.09
N TYR A 190 -14.21 -2.48 6.04
CA TYR A 190 -13.44 -1.69 5.07
C TYR A 190 -14.25 -0.63 4.35
N TRP A 191 -13.56 0.33 3.76
CA TRP A 191 -14.14 1.24 2.77
C TRP A 191 -13.55 0.88 1.41
N THR A 192 -14.31 1.10 0.34
CA THR A 192 -13.79 0.79 -0.99
C THR A 192 -14.18 1.86 -2.02
N TYR A 193 -13.28 2.14 -2.96
CA TYR A 193 -13.55 3.10 -4.02
C TYR A 193 -12.61 2.82 -5.19
N PRO A 194 -12.97 3.27 -6.41
CA PRO A 194 -12.11 3.07 -7.58
C PRO A 194 -11.06 4.17 -7.68
N GLY A 195 -9.80 3.79 -7.85
CA GLY A 195 -8.72 4.76 -7.79
C GLY A 195 -7.54 4.38 -8.67
N SER A 196 -6.35 4.76 -8.22
CA SER A 196 -5.16 4.66 -9.06
C SER A 196 -3.98 4.19 -8.23
N LEU A 197 -2.88 3.89 -8.92
CA LEU A 197 -1.60 3.73 -8.23
C LEU A 197 -1.26 5.09 -7.63
N THR A 198 -0.59 5.11 -6.48
CA THR A 198 -0.28 6.39 -5.81
C THR A 198 1.14 6.91 -6.13
N THR A 199 1.83 6.21 -7.01
CA THR A 199 3.10 6.69 -7.56
C THR A 199 3.01 6.66 -9.08
N PRO A 200 3.86 7.46 -9.75
CA PRO A 200 4.03 7.23 -11.19
C PRO A 200 4.14 5.72 -11.45
N PRO A 201 3.55 5.22 -12.54
CA PRO A 201 2.82 5.94 -13.61
C PRO A 201 1.39 6.37 -13.26
N LEU A 202 0.95 6.19 -12.02
CA LEU A 202 -0.34 6.73 -11.57
C LEU A 202 -1.54 6.17 -12.32
N LEU A 203 -1.37 4.96 -12.86
CA LEU A 203 -2.40 4.35 -13.69
C LEU A 203 -3.69 4.10 -12.91
N GLU A 204 -4.81 4.34 -13.57
CA GLU A 204 -6.12 4.29 -12.94
C GLU A 204 -6.74 2.90 -13.04
N CYS A 205 -6.13 1.97 -12.32
CA CYS A 205 -6.39 0.55 -12.49
C CYS A 205 -6.69 -0.15 -11.18
N VAL A 206 -6.91 0.61 -10.10
CA VAL A 206 -6.99 0.04 -8.75
C VAL A 206 -8.37 0.10 -8.11
N THR A 207 -8.84 -1.03 -7.60
CA THR A 207 -9.94 -1.02 -6.66
C THR A 207 -9.31 -0.95 -5.29
N TRP A 208 -9.52 0.16 -4.60
CA TRP A 208 -8.98 0.31 -3.26
C TRP A 208 -9.88 -0.34 -2.20
N ILE A 209 -9.26 -1.09 -1.30
CA ILE A 209 -9.98 -1.68 -0.17
C ILE A 209 -9.18 -1.28 1.07
N VAL A 210 -9.71 -0.33 1.85
CA VAL A 210 -8.95 0.23 2.97
C VAL A 210 -9.62 -0.17 4.27
N LEU A 211 -8.87 -0.87 5.13
CA LEU A 211 -9.46 -1.39 6.37
C LEU A 211 -9.67 -0.29 7.38
N LYS A 212 -10.78 -0.40 8.12
CA LYS A 212 -11.12 0.56 9.15
C LYS A 212 -10.22 0.45 10.37
N GLU A 213 -9.89 -0.77 10.76
CA GLU A 213 -9.09 -0.99 11.96
C GLU A 213 -7.59 -0.90 11.68
N PRO A 214 -6.90 0.06 12.31
CA PRO A 214 -5.45 0.13 12.12
C PRO A 214 -4.75 -0.99 12.88
N ILE A 215 -3.53 -1.32 12.49
CA ILE A 215 -2.69 -2.15 13.32
C ILE A 215 -1.77 -1.23 14.12
N SER A 216 -1.32 -1.67 15.29
CA SER A 216 -0.39 -0.89 16.09
C SER A 216 1.02 -1.43 15.93
N VAL A 217 1.99 -0.55 15.81
CA VAL A 217 3.39 -0.93 15.76
C VAL A 217 4.13 -0.08 16.78
N SER A 218 5.30 -0.54 17.23
CA SER A 218 5.99 0.19 18.29
C SER A 218 6.80 1.35 17.71
N SER A 219 7.14 2.32 18.55
CA SER A 219 7.99 3.41 18.10
C SER A 219 9.33 2.86 17.59
N GLU A 220 9.87 1.86 18.28
CA GLU A 220 11.13 1.25 17.86
C GLU A 220 11.01 0.66 16.45
N GLN A 221 9.86 0.06 16.15
CA GLN A 221 9.67 -0.52 14.81
C GLN A 221 9.62 0.56 13.72
N VAL A 222 8.86 1.62 13.95
CA VAL A 222 8.76 2.66 12.92
C VAL A 222 10.07 3.42 12.78
N LEU A 223 10.79 3.59 13.89
CA LEU A 223 12.10 4.25 13.85
C LEU A 223 13.04 3.53 12.89
N LYS A 224 12.94 2.21 12.81
CA LYS A 224 13.81 1.45 11.92
C LYS A 224 13.43 1.62 10.45
N PHE A 225 12.14 1.81 10.17
CA PHE A 225 11.73 2.20 8.81
C PHE A 225 12.46 3.47 8.42
N ARG A 226 12.54 4.41 9.36
CA ARG A 226 13.08 5.75 9.09
C ARG A 226 14.60 5.81 8.95
N LYS A 227 15.28 4.67 9.16
CA LYS A 227 16.72 4.60 8.96
C LYS A 227 17.09 4.13 7.55
N LEU A 228 16.09 3.72 6.77
CA LEU A 228 16.32 3.35 5.38
C LEU A 228 16.73 4.60 4.59
N ASN A 229 17.30 4.38 3.41
CA ASN A 229 17.83 5.45 2.56
C ASN A 229 17.15 5.50 1.18
N PHE A 230 16.84 6.70 0.70
CA PHE A 230 16.41 6.89 -0.69
C PHE A 230 17.61 6.70 -1.63
N ASN A 231 18.79 7.09 -1.16
CA ASN A 231 20.00 7.09 -1.99
C ASN A 231 20.61 5.71 -2.14
N GLY A 232 21.49 5.56 -3.12
CA GLY A 232 22.24 4.33 -3.29
C GLY A 232 23.47 4.26 -2.40
N GLU A 233 24.09 3.10 -2.35
CA GLU A 233 25.32 2.90 -1.59
C GLU A 233 26.42 3.86 -2.07
N GLY A 234 27.14 4.46 -1.12
CA GLY A 234 28.24 5.34 -1.47
C GLY A 234 27.82 6.75 -1.87
N GLU A 235 26.53 7.06 -1.71
CA GLU A 235 26.02 8.40 -1.99
C GLU A 235 25.66 9.10 -0.68
N PRO A 236 25.57 10.44 -0.69
CA PRO A 236 25.22 11.16 0.54
C PRO A 236 23.85 10.70 1.05
N GLU A 237 23.71 10.65 2.37
CA GLU A 237 22.52 10.02 2.95
C GLU A 237 21.29 10.90 2.88
N GLU A 238 20.21 10.33 2.33
CA GLU A 238 18.90 10.95 2.33
C GLU A 238 17.99 9.93 3.00
N LEU A 239 17.55 10.19 4.23
CA LEU A 239 16.68 9.22 4.92
C LEU A 239 15.39 8.98 4.14
N MET A 240 15.00 7.72 4.04
CA MET A 240 13.72 7.35 3.41
C MET A 240 12.58 7.61 4.39
N VAL A 241 11.98 8.79 4.28
CA VAL A 241 10.84 9.19 5.10
C VAL A 241 9.88 10.04 4.28
N ASP A 242 8.63 10.08 4.71
CA ASP A 242 7.62 10.88 4.02
C ASP A 242 7.49 10.47 2.54
N ASN A 243 7.50 9.18 2.31
CA ASN A 243 7.28 8.66 0.96
C ASN A 243 5.79 8.37 0.70
N TRP A 244 4.96 9.38 0.95
CA TRP A 244 3.51 9.32 0.75
C TRP A 244 3.02 10.44 -0.18
N ARG A 245 2.01 10.13 -0.98
CA ARG A 245 1.33 11.14 -1.78
C ARG A 245 0.16 11.65 -0.95
N PRO A 246 -0.11 12.96 -0.99
CA PRO A 246 -1.25 13.50 -0.24
C PRO A 246 -2.59 13.18 -0.90
N ALA A 247 -3.66 13.32 -0.13
CA ALA A 247 -5.02 13.10 -0.64
C ALA A 247 -5.34 13.94 -1.87
N GLN A 248 -5.98 13.30 -2.85
CA GLN A 248 -6.36 13.94 -4.10
C GLN A 248 -7.88 14.13 -4.13
N PRO A 249 -8.36 15.03 -5.00
CA PRO A 249 -9.81 15.29 -5.14
C PRO A 249 -10.63 14.02 -5.41
N LEU A 250 -11.74 13.85 -4.69
CA LEU A 250 -12.59 12.68 -4.88
C LEU A 250 -13.27 12.73 -6.25
N LYS A 251 -13.62 13.94 -6.68
CA LYS A 251 -14.32 14.12 -7.95
C LYS A 251 -15.58 13.25 -8.03
N ASN A 252 -15.83 12.63 -9.17
CA ASN A 252 -17.10 11.95 -9.40
C ASN A 252 -17.11 10.50 -8.94
N ARG A 253 -16.85 10.30 -7.65
CA ARG A 253 -16.71 8.96 -7.10
C ARG A 253 -17.43 8.83 -5.77
N GLN A 254 -17.82 7.60 -5.46
CA GLN A 254 -18.51 7.28 -4.22
C GLN A 254 -17.68 6.27 -3.45
N ILE A 255 -17.50 6.51 -2.16
CA ILE A 255 -16.84 5.53 -1.31
C ILE A 255 -17.90 4.67 -0.64
N LYS A 256 -17.78 3.36 -0.76
CA LYS A 256 -18.72 2.45 -0.12
C LYS A 256 -18.13 1.85 1.14
N ALA A 257 -18.97 1.58 2.14
CA ALA A 257 -18.50 0.97 3.37
C ALA A 257 -19.09 -0.43 3.51
N SER A 258 -18.31 -1.35 4.08
CA SER A 258 -18.79 -2.73 4.31
C SER A 258 -19.57 -2.88 5.61
N PHE A 259 -19.74 -1.77 6.32
CA PHE A 259 -20.29 -1.82 7.66
C PHE A 259 -21.07 -0.54 7.94
N LYS A 260 -21.89 -0.55 8.98
CA LYS A 260 -22.63 0.64 9.39
C LYS A 260 -21.89 1.40 10.49
#